data_8IVG
#
_entry.id   8IVG
#
_cell.length_a   103.149
_cell.length_b   103.149
_cell.length_c   55.004
_cell.angle_alpha   90.000
_cell.angle_beta   90.000
_cell.angle_gamma   120.000
#
_symmetry.space_group_name_H-M   'P 61'
#
loop_
_entity.id
_entity.type
_entity.pdbx_description
1 polymer 'Kelch-like ECH-associated protein 1'
2 non-polymer '(3S)-3-(4-methylphenyl)-3-[2-(5,6,7,8-tetrahydronaphthalen-2-yl)ethanoylamino]propanoic acid'
3 non-polymer 2,3-DIHYDROXY-1,4-DITHIOBUTANE
4 non-polymer 'SULFATE ION'
5 water water
#
_entity_poly.entity_id   1
_entity_poly.type   'polypeptide(L)'
_entity_poly.pdbx_seq_one_letter_code
;LHKPTQVMPCRAPKVGRLIYTAGGYFRQSLSYLEAYNPSDGTWLRLADLQVPRSGLAGCVVGGLLYAVGGRNNSPDGNTD
SSALDCYNPMTNQWSPCAPMSVPRNRIGVGVIDGHIYAVGGSHGCIHHNSVERYEPERDEWHLVAPMLTRRIGVGVAVLN
RLLYAVGGFDGTNRLNSAECYYPERNEWRMITAMNTIRSGAGVCVLHNCIYAAGGYDGQDQLNSVERYDVETETWTFVAP
MKHRRSALGITVHQGRIYVLGGYDGHTFLDSVECYDPDTDTWSEVTRMTSGRSGVGVAVTMEPCRKQIDQQNCTC
;
_entity_poly.pdbx_strand_id   A
#
loop_
_chem_comp.id
_chem_comp.type
_chem_comp.name
_chem_comp.formula
DTT non-polymer 2,3-DIHYDROXY-1,4-DITHIOBUTANE 'C4 H10 O2 S2'
SGO non-polymer '(3S)-3-(4-methylphenyl)-3-[2-(5,6,7,8-tetrahydronaphthalen-2-yl)ethanoylamino]propanoic acid' 'C22 H25 N O3'
SO4 non-polymer 'SULFATE ION' 'O4 S -2'
#
# COMPACT_ATOMS: atom_id res chain seq x y z
N ALA A 12 -5.24 21.65 -0.40
CA ALA A 12 -5.01 20.22 -0.65
C ALA A 12 -6.16 19.53 -1.42
N PRO A 13 -7.42 19.74 -1.02
CA PRO A 13 -8.51 19.13 -1.79
C PRO A 13 -8.71 19.81 -3.13
N LYS A 14 -8.88 18.99 -4.16
CA LYS A 14 -9.16 19.48 -5.51
C LYS A 14 -10.17 18.57 -6.16
N VAL A 15 -10.94 19.13 -7.10
CA VAL A 15 -11.95 18.35 -7.80
C VAL A 15 -11.29 17.40 -8.80
N GLY A 16 -12.03 16.37 -9.18
CA GLY A 16 -11.62 15.50 -10.26
C GLY A 16 -10.52 14.51 -9.93
N ARG A 17 -10.40 14.10 -8.67
CA ARG A 17 -9.42 13.08 -8.29
C ARG A 17 -10.10 11.74 -8.10
N LEU A 18 -9.41 10.68 -8.51
CA LEU A 18 -9.96 9.33 -8.49
C LEU A 18 -9.07 8.42 -7.65
N ILE A 19 -9.67 7.32 -7.19
CA ILE A 19 -8.93 6.27 -6.49
C ILE A 19 -8.54 5.21 -7.52
N TYR A 20 -7.25 5.12 -7.80
CA TYR A 20 -6.72 4.16 -8.76
C TYR A 20 -6.33 2.87 -8.06
N THR A 21 -6.70 1.75 -8.66
CA THR A 21 -6.27 0.43 -8.18
C THR A 21 -5.56 -0.30 -9.31
N ALA A 22 -4.34 -0.74 -9.03
CA ALA A 22 -3.46 -1.32 -10.04
C ALA A 22 -3.12 -2.76 -9.65
N GLY A 23 -3.21 -3.67 -10.62
CA GLY A 23 -2.77 -5.04 -10.38
C GLY A 23 -3.68 -5.80 -9.44
N GLY A 24 -3.09 -6.73 -8.70
CA GLY A 24 -3.81 -7.59 -7.78
C GLY A 24 -3.67 -9.05 -8.13
N TYR A 25 -4.38 -9.88 -7.35
CA TYR A 25 -4.30 -11.32 -7.50
C TYR A 25 -5.69 -11.94 -7.41
N PHE A 26 -6.02 -12.78 -8.39
CA PHE A 26 -7.18 -13.68 -8.31
C PHE A 26 -6.90 -14.82 -9.27
N ARG A 27 -6.59 -16.00 -8.71
CA ARG A 27 -6.12 -17.17 -9.44
C ARG A 27 -4.70 -16.96 -9.95
N GLN A 28 -4.41 -15.77 -10.47
CA GLN A 28 -3.06 -15.38 -10.88
C GLN A 28 -2.95 -13.87 -10.76
N SER A 29 -1.72 -13.37 -10.91
CA SER A 29 -1.51 -11.93 -10.82
C SER A 29 -2.19 -11.23 -11.99
N LEU A 30 -2.65 -10.00 -11.75
CA LEU A 30 -3.55 -9.30 -12.64
C LEU A 30 -2.90 -8.06 -13.23
N SER A 31 -3.40 -7.65 -14.38
CA SER A 31 -2.90 -6.48 -15.09
C SER A 31 -3.82 -5.27 -14.99
N TYR A 32 -4.95 -5.39 -14.29
CA TYR A 32 -5.97 -4.34 -14.33
C TYR A 32 -5.45 -3.02 -13.77
N LEU A 33 -5.84 -1.92 -14.42
CA LEU A 33 -5.82 -0.59 -13.84
C LEU A 33 -7.23 -0.03 -13.93
N GLU A 34 -7.84 0.21 -12.78
CA GLU A 34 -9.20 0.71 -12.70
C GLU A 34 -9.23 1.86 -11.71
N ALA A 35 -10.12 2.83 -11.97
CA ALA A 35 -10.18 4.04 -11.17
C ALA A 35 -11.62 4.27 -10.71
N TYR A 36 -11.78 4.56 -9.42
CA TYR A 36 -13.08 4.78 -8.83
C TYR A 36 -13.27 6.26 -8.55
N ASN A 37 -14.46 6.77 -8.88
CA ASN A 37 -14.79 8.18 -8.66
C ASN A 37 -15.80 8.26 -7.51
N PRO A 38 -15.39 8.66 -6.32
CA PRO A 38 -16.34 8.77 -5.21
C PRO A 38 -17.45 9.78 -5.45
N SER A 39 -17.26 10.74 -6.36
CA SER A 39 -18.27 11.76 -6.59
C SER A 39 -19.52 11.18 -7.27
N ASP A 40 -19.35 10.20 -8.15
CA ASP A 40 -20.49 9.62 -8.85
C ASP A 40 -20.58 8.10 -8.78
N GLY A 41 -19.68 7.44 -8.04
CA GLY A 41 -19.76 6.01 -7.86
C GLY A 41 -19.38 5.17 -9.05
N THR A 42 -18.73 5.74 -10.06
CA THR A 42 -18.39 5.01 -11.27
C THR A 42 -16.99 4.43 -11.20
N TRP A 43 -16.78 3.36 -11.95
CA TRP A 43 -15.46 2.78 -12.18
C TRP A 43 -15.09 2.94 -13.65
N LEU A 44 -13.83 3.29 -13.90
CA LEU A 44 -13.27 3.35 -15.24
C LEU A 44 -12.18 2.30 -15.37
N ARG A 45 -12.19 1.55 -16.46
CA ARG A 45 -11.07 0.66 -16.75
C ARG A 45 -10.09 1.39 -17.68
N LEU A 46 -8.82 1.40 -17.29
CA LEU A 46 -7.79 2.14 -18.00
C LEU A 46 -6.76 1.15 -18.54
N ALA A 47 -5.62 1.69 -18.99
CA ALA A 47 -4.62 0.87 -19.66
C ALA A 47 -4.07 -0.20 -18.72
N ASP A 48 -4.05 -1.44 -19.21
CA ASP A 48 -3.44 -2.54 -18.48
C ASP A 48 -1.99 -2.23 -18.15
N LEU A 49 -1.54 -2.75 -17.01
CA LEU A 49 -0.12 -2.81 -16.72
C LEU A 49 0.59 -3.59 -17.83
N GLN A 50 1.84 -3.20 -18.09
CA GLN A 50 2.64 -3.92 -19.07
C GLN A 50 2.92 -5.35 -18.64
N VAL A 51 3.06 -5.57 -17.33
CA VAL A 51 3.32 -6.89 -16.77
C VAL A 51 2.36 -7.10 -15.60
N PRO A 52 1.68 -8.25 -15.51
CA PRO A 52 0.79 -8.49 -14.37
C PRO A 52 1.59 -8.53 -13.08
N ARG A 53 0.98 -8.05 -11.99
CA ARG A 53 1.69 -8.03 -10.72
C ARG A 53 0.72 -7.96 -9.56
N SER A 54 1.01 -8.72 -8.52
CA SER A 54 0.33 -8.69 -7.24
C SER A 54 1.36 -8.38 -6.15
N GLY A 55 0.89 -8.01 -4.97
CA GLY A 55 1.80 -7.66 -3.90
C GLY A 55 2.61 -6.41 -4.17
N LEU A 56 2.15 -5.55 -5.07
CA LEU A 56 2.81 -4.29 -5.38
C LEU A 56 2.27 -3.18 -4.49
N ALA A 57 2.84 -2.00 -4.62
CA ALA A 57 2.32 -0.81 -3.97
C ALA A 57 2.19 0.30 -5.00
N GLY A 58 1.22 1.18 -4.79
CA GLY A 58 1.07 2.35 -5.63
C GLY A 58 1.35 3.64 -4.89
N CYS A 59 1.72 4.68 -5.63
CA CYS A 59 1.90 6.01 -5.05
C CYS A 59 1.84 7.03 -6.19
N VAL A 60 1.79 8.30 -5.81
CA VAL A 60 1.65 9.39 -6.78
C VAL A 60 2.69 10.46 -6.46
N VAL A 61 3.41 10.90 -7.49
CA VAL A 61 4.33 12.04 -7.40
C VAL A 61 4.13 12.90 -8.63
N GLY A 62 3.89 14.18 -8.42
CA GLY A 62 3.69 15.10 -9.54
C GLY A 62 2.53 14.73 -10.43
N GLY A 63 1.45 14.21 -9.85
CA GLY A 63 0.30 13.85 -10.65
C GLY A 63 0.45 12.60 -11.47
N LEU A 64 1.55 11.87 -11.32
CA LEU A 64 1.77 10.62 -12.02
C LEU A 64 1.64 9.46 -11.05
N LEU A 65 1.03 8.37 -11.52
CA LEU A 65 0.84 7.17 -10.72
C LEU A 65 2.00 6.21 -10.94
N TYR A 66 2.54 5.66 -9.85
CA TYR A 66 3.64 4.73 -9.91
C TYR A 66 3.24 3.38 -9.34
N ALA A 67 3.62 2.31 -10.04
CA ALA A 67 3.44 0.95 -9.58
C ALA A 67 4.83 0.38 -9.26
N VAL A 68 5.00 -0.11 -8.03
CA VAL A 68 6.32 -0.44 -7.49
C VAL A 68 6.34 -1.89 -7.06
N GLY A 69 7.32 -2.65 -7.56
CA GLY A 69 7.56 -3.99 -7.08
C GLY A 69 6.40 -4.94 -7.34
N GLY A 70 6.27 -5.94 -6.47
CA GLY A 70 5.27 -6.97 -6.63
C GLY A 70 5.86 -8.29 -7.14
N ARG A 71 4.98 -9.09 -7.74
CA ARG A 71 5.36 -10.38 -8.28
C ARG A 71 4.37 -10.75 -9.37
N ASN A 72 4.86 -11.34 -10.46
CA ASN A 72 3.98 -11.93 -11.47
C ASN A 72 3.83 -13.40 -11.15
N ASN A 73 2.73 -13.74 -10.46
CA ASN A 73 2.38 -15.12 -10.18
C ASN A 73 1.50 -15.60 -11.32
N SER A 74 2.10 -16.33 -12.26
CA SER A 74 1.46 -16.73 -13.50
C SER A 74 1.29 -18.24 -13.56
N PRO A 75 0.54 -18.75 -14.55
CA PRO A 75 0.41 -20.22 -14.67
C PRO A 75 1.73 -20.95 -14.76
N ASP A 76 2.76 -20.36 -15.36
CA ASP A 76 4.02 -21.05 -15.53
C ASP A 76 4.99 -20.83 -14.37
N GLY A 77 5.00 -19.65 -13.75
CA GLY A 77 5.98 -19.43 -12.71
C GLY A 77 5.67 -18.20 -11.89
N ASN A 78 6.58 -17.91 -10.96
CA ASN A 78 6.50 -16.76 -10.06
C ASN A 78 7.75 -15.93 -10.22
N THR A 79 7.60 -14.70 -10.67
CA THR A 79 8.72 -13.79 -10.88
C THR A 79 8.54 -12.56 -10.01
N ASP A 80 9.40 -12.42 -8.99
CA ASP A 80 9.36 -11.22 -8.18
C ASP A 80 9.84 -10.02 -8.99
N SER A 81 9.25 -8.87 -8.73
CA SER A 81 9.44 -7.68 -9.55
C SER A 81 10.35 -6.66 -8.85
N SER A 82 11.36 -6.18 -9.58
CA SER A 82 12.07 -4.97 -9.19
C SER A 82 11.60 -3.75 -9.98
N ALA A 83 10.48 -3.88 -10.69
CA ALA A 83 10.07 -2.87 -11.66
C ALA A 83 9.46 -1.65 -10.99
N LEU A 84 9.67 -0.50 -11.63
CA LEU A 84 8.96 0.73 -11.33
C LEU A 84 8.36 1.23 -12.63
N ASP A 85 7.05 1.44 -12.65
CA ASP A 85 6.35 1.87 -13.85
C ASP A 85 5.47 3.05 -13.51
N CYS A 86 5.29 3.93 -14.49
CA CYS A 86 4.67 5.23 -14.28
C CYS A 86 3.49 5.38 -15.23
N TYR A 87 2.32 5.72 -14.68
CA TYR A 87 1.11 5.92 -15.46
C TYR A 87 0.77 7.40 -15.49
N ASN A 88 0.61 7.94 -16.70
CA ASN A 88 0.22 9.33 -16.89
C ASN A 88 -1.26 9.39 -17.22
N PRO A 89 -2.11 9.93 -16.35
CA PRO A 89 -3.54 10.05 -16.67
C PRO A 89 -3.80 10.92 -17.89
N MET A 90 -2.89 11.84 -18.22
CA MET A 90 -3.10 12.69 -19.39
C MET A 90 -3.03 11.89 -20.69
N THR A 91 -2.27 10.79 -20.70
CA THR A 91 -2.06 10.01 -21.92
C THR A 91 -2.63 8.60 -21.83
N ASN A 92 -3.03 8.12 -20.65
CA ASN A 92 -3.50 6.75 -20.46
C ASN A 92 -2.45 5.74 -20.91
N GLN A 93 -1.18 6.03 -20.61
CA GLN A 93 -0.08 5.15 -20.99
C GLN A 93 0.83 4.90 -19.81
N TRP A 94 1.35 3.68 -19.72
CA TRP A 94 2.40 3.32 -18.78
C TRP A 94 3.76 3.48 -19.45
N SER A 95 4.74 3.95 -18.66
CA SER A 95 6.12 4.07 -19.12
C SER A 95 7.03 3.41 -18.09
N PRO A 96 7.97 2.57 -18.53
CA PRO A 96 8.93 2.01 -17.57
C PRO A 96 9.87 3.08 -17.03
N CYS A 97 10.26 2.90 -15.78
CA CYS A 97 11.26 3.72 -15.10
C CYS A 97 12.44 2.85 -14.71
N ALA A 98 13.47 3.49 -14.14
CA ALA A 98 14.62 2.74 -13.66
C ALA A 98 14.17 1.71 -12.63
N PRO A 99 14.71 0.49 -12.67
CA PRO A 99 14.31 -0.54 -11.71
C PRO A 99 14.99 -0.38 -10.35
N MET A 100 14.36 -0.98 -9.35
CA MET A 100 14.95 -1.06 -8.03
C MET A 100 16.15 -2.02 -8.03
N SER A 101 16.96 -1.93 -6.98
CA SER A 101 18.16 -2.74 -6.88
C SER A 101 17.87 -4.23 -6.72
N VAL A 102 16.67 -4.58 -6.26
CA VAL A 102 16.35 -5.95 -5.87
C VAL A 102 14.86 -6.17 -6.10
N PRO A 103 14.42 -7.37 -6.48
CA PRO A 103 12.97 -7.62 -6.53
C PRO A 103 12.36 -7.51 -5.14
N ARG A 104 11.14 -6.93 -5.08
CA ARG A 104 10.45 -6.73 -3.80
C ARG A 104 8.97 -7.06 -3.98
N ASN A 105 8.57 -8.26 -3.57
CA ASN A 105 7.17 -8.65 -3.53
C ASN A 105 6.62 -8.36 -2.14
N ARG A 106 5.31 -8.12 -2.07
CA ARG A 106 4.65 -7.73 -0.83
C ARG A 106 5.36 -6.53 -0.20
N ILE A 107 5.46 -5.49 -1.02
CA ILE A 107 6.26 -4.31 -0.74
C ILE A 107 5.40 -3.26 -0.04
N GLY A 108 6.05 -2.35 0.67
CA GLY A 108 5.42 -1.14 1.14
C GLY A 108 6.13 0.07 0.57
N VAL A 109 5.38 1.13 0.31
CA VAL A 109 5.91 2.32 -0.35
C VAL A 109 5.39 3.57 0.35
N GLY A 110 6.24 4.60 0.41
CA GLY A 110 5.83 5.90 0.89
C GLY A 110 6.59 6.99 0.17
N VAL A 111 6.01 8.18 0.13
CA VAL A 111 6.58 9.31 -0.61
C VAL A 111 6.92 10.41 0.39
N ILE A 112 8.19 10.83 0.39
CA ILE A 112 8.63 11.99 1.18
C ILE A 112 9.13 13.05 0.21
N ASP A 113 8.47 14.20 0.22
CA ASP A 113 8.90 15.37 -0.55
C ASP A 113 9.25 14.99 -1.99
N GLY A 114 8.37 14.23 -2.62
CA GLY A 114 8.54 13.87 -4.02
C GLY A 114 9.48 12.73 -4.30
N HIS A 115 9.94 12.01 -3.29
CA HIS A 115 10.85 10.88 -3.48
C HIS A 115 10.17 9.61 -2.99
N ILE A 116 10.27 8.54 -3.78
CA ILE A 116 9.56 7.30 -3.49
C ILE A 116 10.47 6.38 -2.70
N TYR A 117 9.99 5.94 -1.54
CA TYR A 117 10.71 4.97 -0.72
C TYR A 117 10.09 3.58 -0.90
N ALA A 118 10.93 2.63 -1.31
CA ALA A 118 10.53 1.24 -1.45
C ALA A 118 11.06 0.48 -0.24
N VAL A 119 10.18 -0.17 0.50
CA VAL A 119 10.48 -0.67 1.83
C VAL A 119 10.26 -2.17 1.88
N GLY A 120 11.32 -2.90 2.24
CA GLY A 120 11.15 -4.31 2.59
C GLY A 120 10.71 -5.16 1.42
N GLY A 121 9.81 -6.10 1.69
CA GLY A 121 9.36 -7.04 0.69
C GLY A 121 10.21 -8.29 0.63
N SER A 122 9.76 -9.23 -0.20
CA SER A 122 10.42 -10.53 -0.31
C SER A 122 10.96 -10.76 -1.72
N HIS A 123 11.95 -11.65 -1.79
CA HIS A 123 12.50 -12.16 -3.04
C HIS A 123 12.76 -13.63 -2.79
N GLY A 124 11.91 -14.50 -3.34
CA GLY A 124 11.96 -15.89 -2.95
C GLY A 124 11.84 -16.02 -1.44
N CYS A 125 12.70 -16.84 -0.85
CA CYS A 125 12.69 -16.99 0.60
C CYS A 125 13.43 -15.87 1.33
N ILE A 126 13.92 -14.86 0.61
CA ILE A 126 14.63 -13.74 1.24
C ILE A 126 13.63 -12.71 1.72
N HIS A 127 13.76 -12.29 2.98
CA HIS A 127 12.94 -11.24 3.57
C HIS A 127 13.80 -10.00 3.77
N HIS A 128 13.49 -8.92 3.04
CA HIS A 128 14.33 -7.73 3.04
C HIS A 128 14.10 -6.89 4.30
N ASN A 129 15.20 -6.37 4.85
CA ASN A 129 15.10 -5.14 5.63
C ASN A 129 15.63 -3.93 4.86
N SER A 130 16.11 -4.13 3.63
CA SER A 130 16.66 -3.03 2.86
C SER A 130 15.56 -2.06 2.41
N VAL A 131 15.99 -0.82 2.16
CA VAL A 131 15.12 0.27 1.77
C VAL A 131 15.86 1.09 0.72
N GLU A 132 15.15 1.54 -0.31
CA GLU A 132 15.77 2.39 -1.32
C GLU A 132 14.82 3.51 -1.73
N ARG A 133 15.41 4.54 -2.32
CA ARG A 133 14.74 5.82 -2.54
C ARG A 133 14.89 6.23 -3.99
N TYR A 134 13.78 6.57 -4.62
CA TYR A 134 13.72 6.90 -6.04
C TYR A 134 13.60 8.41 -6.22
N GLU A 135 14.38 8.93 -7.16
CA GLU A 135 14.38 10.35 -7.52
C GLU A 135 13.75 10.50 -8.91
N PRO A 136 12.51 10.97 -9.00
CA PRO A 136 11.80 10.94 -10.29
C PRO A 136 12.43 11.79 -11.37
N GLU A 137 12.87 13.01 -11.05
CA GLU A 137 13.45 13.86 -12.08
C GLU A 137 14.76 13.28 -12.61
N ARG A 138 15.54 12.66 -11.72
CA ARG A 138 16.82 12.07 -12.12
C ARG A 138 16.69 10.62 -12.57
N ASP A 139 15.54 9.99 -12.32
CA ASP A 139 15.29 8.59 -12.68
C ASP A 139 16.37 7.68 -12.11
N GLU A 140 16.62 7.78 -10.81
CA GLU A 140 17.64 7.00 -10.15
C GLU A 140 17.10 6.45 -8.83
N TRP A 141 17.45 5.20 -8.53
CA TRP A 141 17.28 4.61 -7.21
C TRP A 141 18.61 4.61 -6.47
N HIS A 142 18.56 4.80 -5.16
CA HIS A 142 19.71 4.62 -4.29
C HIS A 142 19.25 4.01 -2.98
N LEU A 143 20.05 3.11 -2.42
CA LEU A 143 19.73 2.53 -1.13
C LEU A 143 19.87 3.57 -0.02
N VAL A 144 19.03 3.45 1.00
CA VAL A 144 19.19 4.23 2.22
C VAL A 144 19.41 3.26 3.37
N ALA A 145 19.32 3.75 4.60
CA ALA A 145 19.57 2.88 5.75
C ALA A 145 18.54 1.76 5.79
N PRO A 146 18.94 0.53 6.11
CA PRO A 146 17.97 -0.56 6.19
C PRO A 146 17.18 -0.50 7.50
N MET A 147 15.98 -1.09 7.45
CA MET A 147 15.18 -1.18 8.65
C MET A 147 15.88 -2.02 9.72
N LEU A 148 15.44 -1.82 10.96
CA LEU A 148 15.92 -2.63 12.07
C LEU A 148 15.37 -4.05 12.00
N THR A 149 14.31 -4.27 11.24
CA THR A 149 13.60 -5.54 11.17
C THR A 149 13.33 -5.89 9.71
N ARG A 150 13.50 -7.16 9.37
CA ARG A 150 13.10 -7.67 8.06
C ARG A 150 11.59 -7.78 8.01
N ARG A 151 10.97 -7.18 7.00
CA ARG A 151 9.51 -7.08 6.94
C ARG A 151 9.03 -7.31 5.52
N ILE A 152 8.23 -8.36 5.32
CA ILE A 152 7.45 -8.53 4.11
C ILE A 152 5.98 -8.36 4.46
N GLY A 153 5.19 -7.94 3.49
CA GLY A 153 3.81 -7.56 3.79
C GLY A 153 3.76 -6.38 4.74
N VAL A 154 4.66 -5.44 4.57
CA VAL A 154 4.83 -4.32 5.49
C VAL A 154 3.92 -3.18 5.05
N GLY A 155 3.27 -2.53 6.02
CA GLY A 155 2.50 -1.33 5.75
C GLY A 155 3.35 -0.09 5.96
N VAL A 156 3.24 0.85 5.02
CA VAL A 156 4.08 2.04 5.02
C VAL A 156 3.21 3.27 4.84
N ALA A 157 3.51 4.31 5.61
CA ALA A 157 2.85 5.59 5.44
C ALA A 157 3.79 6.70 5.87
N VAL A 158 3.55 7.89 5.35
CA VAL A 158 4.39 9.06 5.61
C VAL A 158 3.52 10.14 6.26
N LEU A 159 4.02 10.68 7.37
CA LEU A 159 3.35 11.78 8.06
C LEU A 159 4.41 12.75 8.53
N ASN A 160 4.24 14.02 8.19
CA ASN A 160 5.15 15.08 8.62
C ASN A 160 6.58 14.77 8.20
N ARG A 161 6.73 14.24 6.99
CA ARG A 161 8.03 13.93 6.37
C ARG A 161 8.85 12.96 7.22
N LEU A 162 8.15 12.07 7.91
CA LEU A 162 8.72 10.89 8.55
C LEU A 162 8.02 9.66 7.99
N LEU A 163 8.78 8.59 7.78
CA LEU A 163 8.24 7.40 7.13
C LEU A 163 8.13 6.26 8.13
N TYR A 164 6.96 5.62 8.17
CA TYR A 164 6.67 4.57 9.13
C TYR A 164 6.52 3.24 8.42
N ALA A 165 7.12 2.20 9.02
CA ALA A 165 7.02 0.83 8.53
C ALA A 165 6.36 0.01 9.63
N VAL A 166 5.23 -0.62 9.30
CA VAL A 166 4.31 -1.12 10.33
C VAL A 166 4.01 -2.59 10.06
N GLY A 167 4.27 -3.43 11.06
CA GLY A 167 3.90 -4.83 11.00
C GLY A 167 4.70 -5.62 9.96
N GLY A 168 4.06 -6.64 9.42
CA GLY A 168 4.65 -7.48 8.40
C GLY A 168 5.02 -8.85 8.92
N PHE A 169 5.86 -9.53 8.14
CA PHE A 169 6.28 -10.90 8.42
C PHE A 169 7.77 -11.00 8.18
N ASP A 170 8.50 -11.58 9.13
CA ASP A 170 9.96 -11.62 9.03
C ASP A 170 10.49 -12.98 8.60
N GLY A 171 9.60 -13.89 8.21
CA GLY A 171 9.97 -15.24 7.85
C GLY A 171 9.70 -16.26 8.92
N THR A 172 9.65 -15.85 10.18
CA THR A 172 9.32 -16.72 11.30
C THR A 172 8.05 -16.30 12.03
N ASN A 173 7.90 -15.02 12.30
CA ASN A 173 6.75 -14.51 13.04
C ASN A 173 6.11 -13.35 12.29
N ARG A 174 4.79 -13.25 12.37
CA ARG A 174 4.12 -12.02 11.99
C ARG A 174 4.33 -11.00 13.10
N LEU A 175 4.33 -9.73 12.72
CA LEU A 175 4.88 -8.67 13.57
C LEU A 175 3.81 -7.68 14.01
N ASN A 176 3.87 -7.31 15.28
CA ASN A 176 3.17 -6.11 15.74
C ASN A 176 4.11 -4.93 15.91
N SER A 177 5.41 -5.12 15.68
CA SER A 177 6.36 -4.02 15.83
C SER A 177 6.24 -3.02 14.68
N ALA A 178 6.76 -1.83 14.92
CA ALA A 178 6.77 -0.77 13.92
C ALA A 178 8.00 0.11 14.16
N GLU A 179 8.42 0.82 13.11
CA GLU A 179 9.60 1.67 13.22
C GLU A 179 9.43 2.87 12.30
N CYS A 180 10.26 3.89 12.54
CA CYS A 180 10.16 5.17 11.86
C CYS A 180 11.50 5.56 11.27
N TYR A 181 11.47 6.09 10.05
CA TYR A 181 12.67 6.54 9.36
C TYR A 181 12.75 8.06 9.42
N TYR A 182 13.91 8.57 9.86
CA TYR A 182 14.12 10.01 10.00
C TYR A 182 15.11 10.44 8.92
N PRO A 183 14.63 11.07 7.84
CA PRO A 183 15.49 11.24 6.64
C PRO A 183 16.76 12.02 6.91
N GLU A 184 16.69 13.11 7.69
CA GLU A 184 17.88 13.92 7.92
C GLU A 184 18.96 13.17 8.69
N ARG A 185 18.60 12.08 9.37
CA ARG A 185 19.59 11.26 10.06
C ARG A 185 19.89 9.95 9.34
N ASN A 186 19.17 9.64 8.27
CA ASN A 186 19.25 8.34 7.58
C ASN A 186 19.27 7.21 8.59
N GLU A 187 18.23 7.20 9.44
CA GLU A 187 18.25 6.38 10.64
C GLU A 187 16.84 5.88 10.92
N TRP A 188 16.74 4.61 11.32
CA TRP A 188 15.50 3.99 11.73
C TRP A 188 15.47 3.84 13.25
N ARG A 189 14.29 4.09 13.83
CA ARG A 189 14.06 3.88 15.26
C ARG A 189 12.75 3.16 15.47
N MET A 190 12.75 2.18 16.38
CA MET A 190 11.50 1.52 16.75
C MET A 190 10.54 2.52 17.38
N ILE A 191 9.25 2.36 17.07
CA ILE A 191 8.22 3.10 17.79
C ILE A 191 7.43 2.10 18.62
N THR A 192 6.41 2.59 19.32
CA THR A 192 5.53 1.72 20.09
C THR A 192 4.96 0.62 19.21
N ALA A 193 4.94 -0.59 19.74
CA ALA A 193 4.35 -1.70 19.02
C ALA A 193 2.82 -1.59 19.02
N MET A 194 2.22 -2.07 17.93
CA MET A 194 0.77 -2.12 17.84
C MET A 194 0.18 -3.05 18.90
N ASN A 195 -1.12 -2.87 19.16
CA ASN A 195 -1.83 -3.79 20.04
C ASN A 195 -1.97 -5.18 19.44
N THR A 196 -1.89 -5.29 18.11
CA THR A 196 -2.20 -6.53 17.41
C THR A 196 -1.13 -6.85 16.38
N ILE A 197 -0.77 -8.13 16.29
CA ILE A 197 0.11 -8.60 15.23
C ILE A 197 -0.60 -8.50 13.90
N ARG A 198 0.04 -7.86 12.91
CA ARG A 198 -0.57 -7.60 11.60
C ARG A 198 0.45 -7.76 10.49
N SER A 199 0.21 -8.73 9.62
CA SER A 199 0.92 -8.84 8.35
C SER A 199 -0.06 -8.58 7.22
N GLY A 200 0.37 -7.79 6.23
CA GLY A 200 -0.52 -7.44 5.14
C GLY A 200 -1.67 -6.56 5.56
N ALA A 201 -1.46 -5.69 6.54
CA ALA A 201 -2.48 -4.70 6.85
C ALA A 201 -2.46 -3.57 5.82
N GLY A 202 -3.54 -2.81 5.78
CA GLY A 202 -3.54 -1.55 5.08
C GLY A 202 -3.10 -0.44 6.03
N VAL A 203 -2.08 0.31 5.63
CA VAL A 203 -1.50 1.33 6.49
C VAL A 203 -1.52 2.66 5.75
N CYS A 204 -2.06 3.70 6.39
CA CYS A 204 -2.20 5.00 5.76
C CYS A 204 -2.12 6.08 6.84
N VAL A 205 -2.18 7.33 6.41
CA VAL A 205 -2.11 8.49 7.30
C VAL A 205 -3.42 9.25 7.21
N LEU A 206 -3.96 9.62 8.36
CA LEU A 206 -5.15 10.46 8.42
C LEU A 206 -5.02 11.38 9.62
N HIS A 207 -5.10 12.68 9.35
CA HIS A 207 -4.91 13.72 10.37
C HIS A 207 -3.51 13.54 10.95
N ASN A 208 -3.35 13.26 12.24
CA ASN A 208 -2.04 13.14 12.86
C ASN A 208 -1.75 11.72 13.31
N CYS A 209 -2.38 10.72 12.67
CA CYS A 209 -2.24 9.34 13.09
C CYS A 209 -1.87 8.43 11.92
N ILE A 210 -1.13 7.37 12.22
CA ILE A 210 -0.86 6.28 11.29
C ILE A 210 -1.88 5.18 11.58
N TYR A 211 -2.73 4.88 10.60
CA TYR A 211 -3.75 3.84 10.76
C TYR A 211 -3.22 2.51 10.24
N ALA A 212 -3.56 1.43 10.96
CA ALA A 212 -3.30 0.07 10.51
C ALA A 212 -4.64 -0.69 10.52
N ALA A 213 -5.11 -1.07 9.35
CA ALA A 213 -6.41 -1.69 9.17
C ALA A 213 -6.25 -3.13 8.73
N GLY A 214 -6.88 -4.05 9.46
CA GLY A 214 -6.90 -5.44 9.04
C GLY A 214 -5.53 -6.10 9.12
N GLY A 215 -5.31 -7.06 8.24
CA GLY A 215 -4.08 -7.82 8.22
C GLY A 215 -4.31 -9.26 8.65
N TYR A 216 -3.19 -9.95 8.88
CA TYR A 216 -3.17 -11.39 9.10
C TYR A 216 -2.20 -11.69 10.23
N ASP A 217 -2.60 -12.55 11.16
CA ASP A 217 -1.76 -12.88 12.31
C ASP A 217 -1.23 -14.31 12.26
N GLY A 218 -1.17 -14.91 11.07
CA GLY A 218 -0.84 -16.31 10.95
C GLY A 218 -1.99 -17.24 11.22
N GLN A 219 -3.08 -16.76 11.82
CA GLN A 219 -4.27 -17.56 12.08
C GLN A 219 -5.45 -17.04 11.26
N ASP A 220 -5.93 -15.84 11.55
CA ASP A 220 -7.12 -15.30 10.91
C ASP A 220 -6.83 -13.92 10.32
N GLN A 221 -7.61 -13.56 9.31
CA GLN A 221 -7.64 -12.18 8.86
C GLN A 221 -8.43 -11.34 9.87
N LEU A 222 -8.05 -10.07 9.97
CA LEU A 222 -8.53 -9.18 11.01
C LEU A 222 -9.47 -8.12 10.43
N ASN A 223 -10.46 -7.72 11.22
CA ASN A 223 -11.26 -6.53 10.91
C ASN A 223 -10.95 -5.36 11.83
N SER A 224 -10.14 -5.56 12.86
CA SER A 224 -9.81 -4.48 13.77
C SER A 224 -8.90 -3.45 13.09
N VAL A 225 -8.98 -2.21 13.58
CA VAL A 225 -8.24 -1.09 13.04
C VAL A 225 -7.69 -0.29 14.22
N GLU A 226 -6.40 0.08 14.16
CA GLU A 226 -5.82 0.87 15.23
C GLU A 226 -4.96 1.97 14.62
N ARG A 227 -4.81 3.06 15.38
CA ARG A 227 -4.10 4.22 14.87
C ARG A 227 -3.06 4.68 15.88
N TYR A 228 -1.90 5.04 15.36
CA TYR A 228 -0.76 5.49 16.15
C TYR A 228 -0.73 7.02 16.12
N ASP A 229 -0.86 7.63 17.29
CA ASP A 229 -0.76 9.09 17.42
C ASP A 229 0.72 9.44 17.53
N VAL A 230 1.26 10.10 16.51
CA VAL A 230 2.70 10.34 16.46
C VAL A 230 3.16 11.31 17.55
N GLU A 231 2.23 12.03 18.17
CA GLU A 231 2.61 12.92 19.26
C GLU A 231 2.65 12.17 20.58
N THR A 232 1.59 11.42 20.91
CA THR A 232 1.48 10.73 22.17
C THR A 232 2.14 9.35 22.16
N GLU A 233 2.45 8.82 20.97
CA GLU A 233 3.13 7.53 20.82
C GLU A 233 2.30 6.35 21.31
N THR A 234 0.98 6.44 21.18
CA THR A 234 0.10 5.36 21.58
C THR A 234 -0.67 4.84 20.39
N TRP A 235 -1.03 3.56 20.45
CA TRP A 235 -1.91 2.92 19.48
C TRP A 235 -3.29 2.76 20.12
N THR A 236 -4.32 3.22 19.42
CA THR A 236 -5.69 3.18 19.91
C THR A 236 -6.57 2.51 18.86
N PHE A 237 -7.40 1.55 19.28
CA PHE A 237 -8.35 0.96 18.36
C PHE A 237 -9.45 1.96 17.99
N VAL A 238 -9.85 1.96 16.72
CA VAL A 238 -11.04 2.68 16.29
C VAL A 238 -12.09 1.64 15.93
N ALA A 239 -13.20 2.07 15.34
CA ALA A 239 -14.23 1.12 14.98
C ALA A 239 -13.67 0.11 13.97
N PRO A 240 -14.01 -1.17 14.09
CA PRO A 240 -13.50 -2.16 13.15
C PRO A 240 -14.20 -2.10 11.81
N MET A 241 -13.50 -2.59 10.78
CA MET A 241 -14.12 -2.77 9.48
C MET A 241 -15.24 -3.81 9.56
N LYS A 242 -16.16 -3.73 8.61
CA LYS A 242 -17.23 -4.72 8.55
C LYS A 242 -16.73 -6.08 8.09
N HIS A 243 -15.71 -6.11 7.23
CA HIS A 243 -15.22 -7.35 6.64
C HIS A 243 -13.76 -7.53 6.98
N ARG A 244 -13.42 -8.63 7.65
CA ARG A 244 -12.03 -8.98 7.88
C ARG A 244 -11.32 -9.13 6.54
N ARG A 245 -10.05 -8.72 6.50
CA ARG A 245 -9.29 -8.75 5.25
C ARG A 245 -7.81 -8.57 5.52
N SER A 246 -6.98 -9.26 4.73
CA SER A 246 -5.56 -8.98 4.65
C SER A 246 -5.19 -8.86 3.19
N ALA A 247 -3.98 -8.35 2.94
CA ALA A 247 -3.54 -8.03 1.57
C ALA A 247 -4.54 -7.11 0.89
N LEU A 248 -5.01 -6.12 1.63
CA LEU A 248 -5.94 -5.13 1.12
C LEU A 248 -5.18 -3.93 0.57
N GLY A 249 -5.85 -3.19 -0.31
CA GLY A 249 -5.37 -1.88 -0.71
C GLY A 249 -6.00 -0.82 0.18
N ILE A 250 -5.32 0.31 0.32
CA ILE A 250 -5.80 1.37 1.19
C ILE A 250 -5.33 2.71 0.64
N THR A 251 -6.16 3.73 0.81
CA THR A 251 -5.76 5.09 0.51
C THR A 251 -6.67 6.03 1.29
N VAL A 252 -6.31 7.31 1.28
CA VAL A 252 -7.10 8.36 1.92
C VAL A 252 -7.55 9.33 0.85
N HIS A 253 -8.81 9.74 0.92
CA HIS A 253 -9.36 10.68 -0.04
C HIS A 253 -10.36 11.57 0.68
N GLN A 254 -10.12 12.88 0.64
CA GLN A 254 -10.99 13.89 1.25
C GLN A 254 -11.31 13.54 2.70
N GLY A 255 -10.26 13.21 3.45
CA GLY A 255 -10.40 13.03 4.89
C GLY A 255 -11.02 11.72 5.33
N ARG A 256 -11.09 10.73 4.45
CA ARG A 256 -11.66 9.43 4.79
C ARG A 256 -10.75 8.32 4.28
N ILE A 257 -10.76 7.20 4.97
CA ILE A 257 -9.96 6.03 4.59
C ILE A 257 -10.81 5.12 3.73
N TYR A 258 -10.25 4.66 2.62
CA TYR A 258 -10.88 3.67 1.75
C TYR A 258 -10.03 2.42 1.76
N VAL A 259 -10.66 1.28 2.05
CA VAL A 259 -10.01 -0.03 1.93
C VAL A 259 -10.66 -0.78 0.78
N LEU A 260 -9.84 -1.47 0.00
CA LEU A 260 -10.28 -2.08 -1.25
C LEU A 260 -9.84 -3.53 -1.29
N GLY A 261 -10.80 -4.44 -1.43
CA GLY A 261 -10.44 -5.82 -1.72
C GLY A 261 -9.71 -6.50 -0.58
N GLY A 262 -8.93 -7.50 -0.95
CA GLY A 262 -8.19 -8.31 0.00
C GLY A 262 -8.71 -9.74 0.03
N TYR A 263 -8.23 -10.48 1.01
CA TYR A 263 -8.57 -11.89 1.19
C TYR A 263 -8.96 -12.10 2.65
N ASP A 264 -10.07 -12.82 2.88
CA ASP A 264 -10.55 -13.05 4.24
C ASP A 264 -10.43 -14.50 4.68
N GLY A 265 -9.69 -15.33 3.94
CA GLY A 265 -9.61 -16.74 4.21
C GLY A 265 -10.67 -17.57 3.52
N HIS A 266 -11.66 -16.94 2.89
CA HIS A 266 -12.72 -17.66 2.22
C HIS A 266 -12.98 -17.16 0.81
N THR A 267 -12.93 -15.85 0.59
CA THR A 267 -13.16 -15.29 -0.74
C THR A 267 -12.21 -14.13 -0.96
N PHE A 268 -12.01 -13.80 -2.24
CA PHE A 268 -11.31 -12.60 -2.65
C PHE A 268 -12.32 -11.46 -2.70
N LEU A 269 -12.17 -10.50 -1.78
CA LEU A 269 -13.20 -9.50 -1.58
C LEU A 269 -13.25 -8.51 -2.73
N ASP A 270 -14.47 -8.13 -3.13
CA ASP A 270 -14.64 -6.98 -4.00
C ASP A 270 -15.11 -5.75 -3.23
N SER A 271 -15.33 -5.88 -1.92
CA SER A 271 -15.93 -4.81 -1.15
C SER A 271 -14.95 -3.68 -0.90
N VAL A 272 -15.47 -2.45 -0.97
CA VAL A 272 -14.72 -1.25 -0.63
C VAL A 272 -15.46 -0.57 0.52
N GLU A 273 -14.78 -0.39 1.64
CA GLU A 273 -15.33 0.28 2.80
C GLU A 273 -14.65 1.63 2.98
N CYS A 274 -15.40 2.57 3.57
CA CYS A 274 -14.95 3.94 3.76
C CYS A 274 -15.11 4.32 5.23
N TYR A 275 -14.02 4.79 5.85
CA TYR A 275 -14.02 5.16 7.26
C TYR A 275 -14.12 6.67 7.41
N ASP A 276 -15.10 7.13 8.19
CA ASP A 276 -15.28 8.54 8.50
C ASP A 276 -14.78 8.80 9.92
N PRO A 277 -13.67 9.54 10.10
CA PRO A 277 -13.16 9.74 11.46
C PRO A 277 -14.02 10.66 12.29
N ASP A 278 -14.84 11.51 11.68
CA ASP A 278 -15.73 12.39 12.42
C ASP A 278 -16.81 11.59 13.17
N THR A 279 -17.25 10.47 12.60
CA THR A 279 -18.25 9.63 13.21
C THR A 279 -17.72 8.28 13.68
N ASP A 280 -16.47 7.95 13.37
CA ASP A 280 -15.86 6.68 13.75
C ASP A 280 -16.72 5.50 13.28
N THR A 281 -17.09 5.53 12.00
CA THR A 281 -17.92 4.49 11.42
C THR A 281 -17.39 4.15 10.03
N TRP A 282 -17.54 2.88 9.66
CA TRP A 282 -17.26 2.40 8.31
C TRP A 282 -18.57 2.25 7.54
N SER A 283 -18.50 2.41 6.23
CA SER A 283 -19.66 2.20 5.39
C SER A 283 -19.22 1.62 4.05
N GLU A 284 -20.03 0.72 3.50
CA GLU A 284 -19.77 0.16 2.18
C GLU A 284 -20.09 1.20 1.12
N VAL A 285 -19.10 1.57 0.30
CA VAL A 285 -19.29 2.64 -0.66
C VAL A 285 -19.45 2.13 -2.08
N THR A 286 -18.88 0.98 -2.41
CA THR A 286 -18.94 0.42 -3.76
C THR A 286 -18.33 -0.98 -3.68
N ARG A 287 -18.37 -1.69 -4.79
CA ARG A 287 -17.62 -2.92 -4.95
C ARG A 287 -16.72 -2.79 -6.17
N MET A 288 -15.55 -3.41 -6.09
CA MET A 288 -14.69 -3.50 -7.24
C MET A 288 -15.35 -4.35 -8.32
N THR A 289 -14.85 -4.24 -9.55
CA THR A 289 -15.43 -5.01 -10.64
C THR A 289 -15.25 -6.51 -10.45
N SER A 290 -14.29 -6.93 -9.63
CA SER A 290 -14.10 -8.33 -9.31
C SER A 290 -13.23 -8.41 -8.06
N GLY A 291 -13.41 -9.49 -7.29
CA GLY A 291 -12.62 -9.67 -6.09
C GLY A 291 -11.16 -9.94 -6.40
N ARG A 292 -10.28 -9.39 -5.58
CA ARG A 292 -8.84 -9.50 -5.80
C ARG A 292 -8.12 -9.02 -4.54
N SER A 293 -6.89 -9.53 -4.34
CA SER A 293 -6.04 -9.13 -3.23
C SER A 293 -4.73 -8.58 -3.77
N GLY A 294 -3.96 -7.98 -2.87
CA GLY A 294 -2.61 -7.54 -3.22
C GLY A 294 -2.53 -6.44 -4.26
N VAL A 295 -3.46 -5.50 -4.22
CA VAL A 295 -3.49 -4.41 -5.18
C VAL A 295 -2.60 -3.27 -4.70
N GLY A 296 -2.21 -2.41 -5.64
CA GLY A 296 -1.63 -1.11 -5.32
C GLY A 296 -2.68 -0.03 -5.55
N VAL A 297 -2.70 0.97 -4.67
CA VAL A 297 -3.74 2.00 -4.67
C VAL A 297 -3.10 3.36 -4.46
N ALA A 298 -3.58 4.36 -5.20
CA ALA A 298 -3.19 5.75 -4.97
C ALA A 298 -4.25 6.66 -5.57
N VAL A 299 -4.16 7.95 -5.27
CA VAL A 299 -5.13 8.96 -5.68
C VAL A 299 -4.44 10.01 -6.54
N THR A 300 -5.03 10.31 -7.69
CA THR A 300 -4.56 11.43 -8.51
C THR A 300 -5.69 11.87 -9.43
N MET A 301 -5.39 12.86 -10.28
CA MET A 301 -6.40 13.47 -11.13
C MET A 301 -6.96 12.46 -12.13
N GLU A 302 -8.19 12.71 -12.55
CA GLU A 302 -8.86 11.85 -13.52
C GLU A 302 -8.20 11.98 -14.89
N PRO A 303 -8.25 10.93 -15.71
CA PRO A 303 -7.67 11.01 -17.05
C PRO A 303 -8.42 12.00 -17.92
N CYS A 304 -7.72 12.50 -18.94
CA CYS A 304 -8.31 13.43 -19.89
C CYS A 304 -7.91 13.06 -21.31
C1 SGO B . 0.71 -12.14 4.22
C2 SGO B . 2.13 -12.71 4.34
C4 SGO B . -1.65 -12.94 4.28
C5 SGO B . -2.52 -14.17 4.13
N3 SGO B . -0.30 -13.19 4.17
C7 SGO B . -3.00 -14.34 2.71
C8 SGO B . -3.26 -13.23 1.91
C9 SGO B . -3.69 -13.38 0.59
C10 SGO B . -3.18 -15.62 2.16
C11 SGO B . 2.20 -13.64 5.55
C14 SGO B . -3.62 -15.78 0.83
C15 SGO B . -3.88 -14.65 0.04
C16 SGO B . -4.35 -14.77 -1.38
C17 SGO B . -4.11 -16.16 -1.98
C18 SGO B . -4.61 -17.22 -1.01
C19 SGO B . -3.80 -17.18 0.28
C20 SGO B . 0.63 -11.22 3.01
C21 SGO B . 0.26 -11.70 1.74
C22 SGO B . 0.17 -10.83 0.65
C23 SGO B . 0.45 -9.47 0.80
C24 SGO B . 0.82 -8.98 2.06
C25 SGO B . 0.90 -9.86 3.15
C26 SGO B . 0.36 -8.54 -0.38
O12 SGO B . 2.02 -13.09 6.67
O13 SGO B . 2.43 -14.86 5.27
O6 SGO B . -2.13 -11.82 4.49
S1 DTT C . 3.27 -15.09 -3.54
C1 DTT C . 1.69 -14.43 -4.12
C2 DTT C . 1.17 -13.34 -3.19
O2 DTT C . 1.06 -13.84 -1.87
C3 DTT C . -0.18 -12.83 -3.65
O3 DTT C . -0.95 -13.88 -4.18
C4 DTT C . -0.92 -12.19 -2.47
S4 DTT C . -2.25 -11.08 -3.01
S SO4 D . 14.23 14.38 -8.08
O1 SO4 D . 14.43 13.72 -6.78
O2 SO4 D . 15.23 13.90 -9.03
O3 SO4 D . 14.37 15.82 -7.91
O4 SO4 D . 12.88 14.08 -8.54
S SO4 E . 13.69 13.20 1.32
O1 SO4 E . 13.61 13.18 2.78
O2 SO4 E . 13.41 11.87 0.78
O3 SO4 E . 15.02 13.61 0.91
O4 SO4 E . 12.71 14.15 0.79
S SO4 F . 18.79 14.60 -2.86
O1 SO4 F . 18.46 15.59 -1.82
O2 SO4 F . 19.42 13.44 -2.25
O3 SO4 F . 19.71 15.19 -3.83
O4 SO4 F . 17.56 14.19 -3.53
S SO4 G . 18.08 -7.49 1.96
O1 SO4 G . 17.34 -8.75 1.80
O2 SO4 G . 19.44 -7.79 2.36
O3 SO4 G . 17.46 -6.64 2.96
O4 SO4 G . 18.08 -6.74 0.70
S SO4 H . 15.94 -14.14 5.84
O1 SO4 H . 16.21 -13.52 7.15
O2 SO4 H . 16.98 -15.11 5.55
O3 SO4 H . 14.64 -14.79 5.90
O4 SO4 H . 15.92 -13.12 4.81
S SO4 I . 23.65 3.18 -4.30
O1 SO4 I . 22.55 2.43 -3.70
O2 SO4 I . 24.83 2.33 -4.39
O3 SO4 I . 23.95 4.35 -3.46
O4 SO4 I . 23.26 3.64 -5.64
S SO4 J . 1.57 -12.49 -19.21
O1 SO4 J . 2.17 -13.01 -17.98
O2 SO4 J . 1.62 -13.52 -20.25
O3 SO4 J . 0.18 -12.11 -18.97
O4 SO4 J . 2.33 -11.33 -19.65
S SO4 K . -7.52 14.28 -1.95
O1 SO4 K . -7.88 14.41 -0.54
O2 SO4 K . -7.33 12.88 -2.28
O3 SO4 K . -8.60 14.82 -2.78
O4 SO4 K . -6.29 15.02 -2.22
S SO4 L . 8.30 -18.84 -3.06
O1 SO4 L . 8.46 -19.02 -1.62
O2 SO4 L . 8.99 -19.90 -3.78
O3 SO4 L . 6.87 -18.89 -3.39
O4 SO4 L . 8.83 -17.54 -3.46
#